data_2IF4
#
_entry.id   2IF4
#
_cell.length_a   86.142
_cell.length_b   117.873
_cell.length_c   40.112
_cell.angle_alpha   90.00
_cell.angle_beta   90.00
_cell.angle_gamma   90.00
#
_symmetry.space_group_name_H-M   'P 21 21 2'
#
loop_
_entity.id
_entity.type
_entity.pdbx_description
1 polymer ATFKBP42
2 water water
#
_entity_poly.entity_id   1
_entity_poly.type   'polypeptide(L)'
_entity_poly.pdbx_seq_one_letter_code
;MDESLEHQTQTHDQESEIVTEGSAVVHSEPSQEGNVPPKVDSEAEVLDEKVSKQIIKEGHGSKPSKYSTCFLHYRAWTKN
SQHKFEDTWHEQQPIELVLGKEKKELAGLAIGVASMKSGERALVHVGWELAYGKEGNFSFPNVPPMADLLYEVEVIGFDE
TKEGKARSDMTVEERIGAADRRKMDGNSLFKEEKLEEAMQQYEMAIAYMGDDFMFQLYGKYQDMALAVKNPCHLNIAACL
IKLKRYDEAIGHCNIVLTEEEKNPKALFRRGKAKAELGQMDSARDDFRKAQKYAPDDKAIRRELRALAEQEKALYQKQKE
MYKGIFKGKDEGGAKSKS
;
_entity_poly.pdbx_strand_id   A
#
# COMPACT_ATOMS: atom_id res chain seq x y z
N ASN A 35 -6.16 6.22 28.81
CA ASN A 35 -5.04 7.18 28.59
C ASN A 35 -5.40 8.32 27.63
N VAL A 36 -4.37 8.93 27.04
CA VAL A 36 -4.57 10.05 26.11
C VAL A 36 -3.54 10.07 24.98
N PRO A 37 -3.99 10.37 23.75
CA PRO A 37 -3.07 10.42 22.61
C PRO A 37 -1.69 10.95 22.92
N PRO A 38 -0.71 10.04 22.98
CA PRO A 38 0.69 10.33 23.27
C PRO A 38 1.28 11.39 22.35
N LYS A 39 1.68 12.50 22.95
CA LYS A 39 2.28 13.60 22.23
C LYS A 39 3.58 13.12 21.60
N VAL A 40 3.61 13.11 20.28
CA VAL A 40 4.80 12.67 19.54
C VAL A 40 5.16 13.74 18.51
N ASP A 41 6.44 14.06 18.45
CA ASP A 41 6.95 15.10 17.56
C ASP A 41 7.62 14.56 16.29
N SER A 42 7.40 13.28 16.01
CA SER A 42 7.98 12.65 14.83
C SER A 42 7.37 13.26 13.59
N GLU A 43 8.16 13.40 12.54
CA GLU A 43 7.63 13.94 11.28
C GLU A 43 6.44 13.02 10.94
N ALA A 44 5.42 13.56 10.26
CA ALA A 44 4.24 12.75 9.93
C ALA A 44 4.19 12.18 8.52
N GLU A 45 4.38 10.87 8.40
CA GLU A 45 4.33 10.22 7.10
C GLU A 45 2.91 10.41 6.53
N VAL A 46 2.77 10.32 5.22
CA VAL A 46 1.46 10.49 4.59
C VAL A 46 1.11 9.24 3.78
N LEU A 47 0.88 8.16 4.51
CA LEU A 47 0.56 6.85 3.93
C LEU A 47 -0.63 6.86 2.99
N ASP A 48 -1.37 7.96 2.95
CA ASP A 48 -2.53 8.04 2.07
C ASP A 48 -3.28 9.32 2.35
N GLU A 49 -4.03 9.78 1.35
CA GLU A 49 -4.81 10.99 1.44
C GLU A 49 -5.25 11.21 2.89
N LYS A 50 -6.07 10.29 3.40
CA LYS A 50 -6.62 10.41 4.73
C LYS A 50 -6.05 9.57 5.87
N VAL A 51 -4.74 9.34 5.85
CA VAL A 51 -4.05 8.58 6.89
C VAL A 51 -2.58 8.99 6.98
N SER A 52 -2.11 9.21 8.20
CA SER A 52 -0.74 9.63 8.42
C SER A 52 -0.22 8.93 9.66
N LYS A 53 1.10 8.83 9.77
CA LYS A 53 1.69 8.15 10.90
C LYS A 53 2.91 8.85 11.48
N GLN A 54 2.95 8.90 12.81
CA GLN A 54 4.07 9.47 13.54
C GLN A 54 4.57 8.35 14.40
N ILE A 55 5.63 7.70 13.94
CA ILE A 55 6.22 6.57 14.65
C ILE A 55 6.81 7.02 15.98
N ILE A 56 6.44 6.34 17.08
CA ILE A 56 6.97 6.72 18.39
C ILE A 56 8.09 5.79 18.83
N LYS A 57 8.01 4.52 18.44
CA LYS A 57 9.03 3.53 18.79
C LYS A 57 9.35 2.69 17.56
N GLU A 58 10.63 2.42 17.34
CA GLU A 58 11.07 1.63 16.19
C GLU A 58 10.79 0.12 16.29
N GLY A 59 10.53 -0.49 15.13
CA GLY A 59 10.26 -1.92 15.06
C GLY A 59 11.25 -2.66 14.17
N HIS A 60 11.63 -3.85 14.61
CA HIS A 60 12.56 -4.72 13.92
C HIS A 60 11.87 -5.51 12.81
N GLY A 61 12.64 -5.95 11.82
CA GLY A 61 12.08 -6.70 10.71
C GLY A 61 11.56 -5.81 9.60
N SER A 62 10.72 -6.38 8.74
CA SER A 62 10.14 -5.66 7.61
C SER A 62 8.65 -5.39 7.72
N LYS A 63 8.11 -4.64 6.77
CA LYS A 63 6.69 -4.28 6.72
C LYS A 63 5.86 -5.43 6.15
N PRO A 64 4.56 -5.50 6.49
CA PRO A 64 3.71 -6.58 5.99
C PRO A 64 3.52 -6.57 4.47
N SER A 65 2.99 -7.67 3.95
CA SER A 65 2.75 -7.81 2.53
C SER A 65 1.26 -8.04 2.38
N LYS A 66 0.63 -7.34 1.43
CA LYS A 66 -0.79 -7.48 1.24
C LYS A 66 -1.28 -8.85 1.64
N TYR A 67 -2.31 -8.85 2.48
CA TYR A 67 -2.95 -10.06 3.01
C TYR A 67 -2.35 -10.75 4.24
N SER A 68 -1.24 -10.21 4.75
CA SER A 68 -0.62 -10.73 5.97
C SER A 68 -1.64 -10.58 7.10
N THR A 69 -1.63 -11.51 8.05
CA THR A 69 -2.54 -11.40 9.19
C THR A 69 -1.77 -10.72 10.33
N CYS A 70 -2.18 -9.51 10.67
CA CYS A 70 -1.53 -8.76 11.74
C CYS A 70 -2.18 -8.89 13.11
N PHE A 71 -1.38 -9.20 14.12
CA PHE A 71 -1.84 -9.33 15.49
C PHE A 71 -1.41 -8.03 16.14
N LEU A 72 -2.31 -7.34 16.81
CA LEU A 72 -1.85 -6.09 17.39
C LEU A 72 -2.64 -5.50 18.51
N HIS A 73 -1.99 -4.57 19.18
CA HIS A 73 -2.57 -3.83 20.27
C HIS A 73 -2.74 -2.41 19.75
N TYR A 74 -3.67 -1.67 20.33
CA TYR A 74 -3.87 -0.30 19.90
C TYR A 74 -4.97 0.35 20.71
N ARG A 75 -4.94 1.68 20.75
CA ARG A 75 -5.97 2.44 21.44
C ARG A 75 -6.58 3.31 20.35
N ALA A 76 -7.85 3.64 20.49
CA ALA A 76 -8.53 4.49 19.52
C ALA A 76 -9.12 5.68 20.26
N TRP A 77 -8.93 6.87 19.71
CA TRP A 77 -9.46 8.10 20.32
C TRP A 77 -10.12 8.91 19.22
N THR A 78 -10.89 9.91 19.63
CA THR A 78 -11.49 10.83 18.68
C THR A 78 -10.49 11.98 18.58
N LYS A 79 -9.95 12.20 17.39
CA LYS A 79 -8.98 13.25 17.16
C LYS A 79 -9.32 14.51 17.93
N ASN A 80 -10.53 15.02 17.71
CA ASN A 80 -11.03 16.26 18.30
C ASN A 80 -11.46 16.24 19.77
N SER A 81 -12.36 15.33 20.13
CA SER A 81 -12.83 15.23 21.51
C SER A 81 -11.96 14.35 22.42
N GLN A 82 -10.87 13.81 21.85
CA GLN A 82 -9.94 12.94 22.56
C GLN A 82 -10.61 11.99 23.54
N HIS A 83 -11.67 11.37 23.03
CA HIS A 83 -12.48 10.42 23.76
C HIS A 83 -12.06 8.99 23.40
N LYS A 84 -11.29 8.33 24.27
CA LYS A 84 -10.86 6.97 23.99
C LYS A 84 -12.10 6.08 23.94
N PHE A 85 -12.21 5.23 22.92
CA PHE A 85 -13.38 4.36 22.80
C PHE A 85 -13.06 2.90 22.56
N GLU A 86 -11.77 2.57 22.52
CA GLU A 86 -11.34 1.20 22.29
C GLU A 86 -9.95 1.13 22.89
N ASP A 87 -9.56 -0.04 23.38
CA ASP A 87 -8.24 -0.20 23.95
C ASP A 87 -7.96 -1.66 24.24
N THR A 88 -7.23 -2.30 23.34
CA THR A 88 -6.91 -3.70 23.49
C THR A 88 -6.13 -4.00 24.78
N TRP A 89 -5.31 -3.06 25.23
CA TRP A 89 -4.51 -3.25 26.46
C TRP A 89 -5.36 -3.53 27.68
N HIS A 90 -6.39 -2.71 27.84
CA HIS A 90 -7.30 -2.89 28.95
C HIS A 90 -8.04 -4.22 28.75
N GLU A 91 -8.59 -4.43 27.56
CA GLU A 91 -9.28 -5.68 27.25
C GLU A 91 -8.29 -6.78 27.55
N GLN A 92 -7.00 -6.42 27.50
CA GLN A 92 -5.90 -7.35 27.74
C GLN A 92 -6.23 -8.50 26.83
N GLN A 93 -6.43 -8.18 25.56
CA GLN A 93 -6.79 -9.12 24.51
C GLN A 93 -6.60 -8.44 23.15
N PRO A 94 -5.40 -8.60 22.51
CA PRO A 94 -5.10 -8.00 21.21
C PRO A 94 -5.96 -8.52 20.07
N ILE A 95 -5.81 -7.91 18.90
CA ILE A 95 -6.60 -8.31 17.72
C ILE A 95 -5.74 -8.78 16.58
N GLU A 96 -6.37 -9.48 15.64
CA GLU A 96 -5.73 -9.97 14.43
C GLU A 96 -6.36 -9.10 13.36
N LEU A 97 -5.56 -8.51 12.48
CA LEU A 97 -6.10 -7.68 11.43
C LEU A 97 -5.52 -8.18 10.11
N VAL A 98 -6.39 -8.45 9.14
CA VAL A 98 -5.92 -8.93 7.85
C VAL A 98 -5.90 -7.79 6.82
N LEU A 99 -4.72 -7.53 6.26
CA LEU A 99 -4.55 -6.45 5.30
C LEU A 99 -5.13 -6.78 3.94
N GLY A 100 -6.29 -6.23 3.66
CA GLY A 100 -6.95 -6.49 2.38
C GLY A 100 -8.33 -6.98 2.68
N LYS A 101 -8.46 -7.62 3.84
CA LYS A 101 -9.74 -8.17 4.30
C LYS A 101 -10.07 -7.53 5.64
N GLU A 102 -9.59 -6.31 5.88
CA GLU A 102 -9.88 -5.63 7.13
C GLU A 102 -11.40 -5.52 7.28
N LYS A 103 -11.86 -4.55 8.07
CA LYS A 103 -13.28 -4.35 8.25
C LYS A 103 -13.59 -2.88 8.02
N LYS A 104 -14.60 -2.62 7.20
CA LYS A 104 -15.05 -1.26 6.84
C LYS A 104 -14.47 -0.13 7.70
N GLU A 105 -14.95 -0.05 8.94
CA GLU A 105 -14.49 0.97 9.87
C GLU A 105 -12.96 1.00 10.02
N LEU A 106 -12.32 -0.17 10.11
CA LEU A 106 -10.88 -0.22 10.28
C LEU A 106 -10.02 -0.05 9.05
N ALA A 107 -10.57 0.49 7.97
CA ALA A 107 -9.77 0.68 6.76
C ALA A 107 -8.57 1.55 7.09
N GLY A 108 -8.83 2.66 7.78
CA GLY A 108 -7.76 3.56 8.15
C GLY A 108 -6.59 2.82 8.77
N LEU A 109 -6.80 2.31 9.98
CA LEU A 109 -5.76 1.59 10.71
C LEU A 109 -5.01 0.57 9.88
N ALA A 110 -5.72 -0.11 8.99
CA ALA A 110 -5.06 -1.10 8.15
C ALA A 110 -4.01 -0.44 7.27
N ILE A 111 -4.32 0.74 6.73
CA ILE A 111 -3.39 1.49 5.89
C ILE A 111 -2.17 1.83 6.71
N GLY A 112 -2.41 2.26 7.94
CA GLY A 112 -1.34 2.62 8.83
C GLY A 112 -0.51 1.44 9.24
N VAL A 113 -1.16 0.36 9.69
CA VAL A 113 -0.42 -0.82 10.11
C VAL A 113 0.51 -1.19 9.00
N ALA A 114 -0.06 -1.38 7.81
CA ALA A 114 0.70 -1.74 6.64
C ALA A 114 2.04 -1.01 6.58
N SER A 115 2.07 0.19 7.15
CA SER A 115 3.28 1.01 7.17
C SER A 115 4.28 0.62 8.24
N MET A 116 3.83 -0.06 9.30
CA MET A 116 4.71 -0.40 10.40
C MET A 116 5.14 -1.85 10.55
N LYS A 117 6.27 -2.01 11.24
CA LYS A 117 6.92 -3.31 11.50
C LYS A 117 6.50 -3.96 12.83
N SER A 118 7.14 -5.09 13.13
CA SER A 118 6.85 -5.79 14.37
C SER A 118 7.58 -5.03 15.49
N GLY A 119 6.95 -4.94 16.66
CA GLY A 119 7.57 -4.21 17.75
C GLY A 119 7.33 -2.71 17.63
N GLU A 120 6.95 -2.28 16.43
CA GLU A 120 6.70 -0.86 16.21
C GLU A 120 5.50 -0.29 16.95
N ARG A 121 5.69 0.88 17.52
CA ARG A 121 4.63 1.59 18.24
C ARG A 121 4.51 2.94 17.53
N ALA A 122 3.29 3.37 17.23
CA ALA A 122 3.15 4.64 16.55
C ALA A 122 1.77 5.21 16.68
N LEU A 123 1.61 6.37 16.04
CA LEU A 123 0.36 7.11 16.05
C LEU A 123 -0.16 7.20 14.61
N VAL A 124 -1.43 6.89 14.41
CA VAL A 124 -2.01 6.92 13.08
C VAL A 124 -3.28 7.74 13.04
N HIS A 125 -3.28 8.80 12.24
CA HIS A 125 -4.42 9.70 12.11
C HIS A 125 -5.30 9.28 10.96
N VAL A 126 -6.57 9.05 11.23
CA VAL A 126 -7.49 8.59 10.19
C VAL A 126 -8.77 9.42 10.02
N GLY A 127 -9.20 9.61 8.77
CA GLY A 127 -10.40 10.34 8.51
C GLY A 127 -11.64 9.49 8.65
N TRP A 128 -12.68 10.00 9.31
CA TRP A 128 -13.93 9.26 9.51
C TRP A 128 -14.24 8.53 8.23
N GLU A 129 -13.81 9.13 7.14
CA GLU A 129 -14.03 8.59 5.82
C GLU A 129 -13.60 7.13 5.77
N LEU A 130 -12.47 6.81 6.40
CA LEU A 130 -11.93 5.45 6.41
C LEU A 130 -12.11 4.75 7.73
N ALA A 131 -12.96 5.32 8.57
CA ALA A 131 -13.26 4.77 9.89
C ALA A 131 -14.77 4.79 10.09
N TYR A 132 -15.22 4.80 11.34
CA TYR A 132 -16.65 4.88 11.65
C TYR A 132 -17.02 6.28 11.19
N GLY A 133 -17.43 6.40 9.94
CA GLY A 133 -17.76 7.73 9.46
C GLY A 133 -18.70 7.67 8.30
N LYS A 134 -19.89 8.18 8.55
CA LYS A 134 -20.99 8.26 7.61
C LYS A 134 -22.06 8.71 8.60
N GLU A 135 -22.42 7.77 9.46
CA GLU A 135 -23.39 7.99 10.51
C GLU A 135 -22.73 7.73 11.87
N GLY A 136 -21.45 7.36 11.86
CA GLY A 136 -20.72 7.07 13.10
C GLY A 136 -21.40 5.94 13.84
N ASN A 137 -20.66 5.17 14.61
CA ASN A 137 -21.24 4.04 15.35
C ASN A 137 -22.09 4.52 16.55
N PHE A 138 -22.96 3.66 17.07
CA PHE A 138 -23.84 4.06 18.17
C PHE A 138 -23.72 3.33 19.51
N SER A 139 -23.48 2.02 19.48
CA SER A 139 -23.35 1.27 20.73
C SER A 139 -21.94 0.77 20.99
N PHE A 140 -21.75 -0.56 21.05
CA PHE A 140 -20.43 -1.16 21.33
C PHE A 140 -19.37 -0.08 21.35
N PRO A 141 -18.89 0.37 20.17
CA PRO A 141 -17.88 1.43 20.20
C PRO A 141 -18.70 2.67 19.89
N ASN A 142 -18.91 3.54 20.87
CA ASN A 142 -19.72 4.73 20.63
C ASN A 142 -18.89 5.76 19.90
N VAL A 143 -19.17 5.94 18.62
CA VAL A 143 -18.42 6.89 17.79
C VAL A 143 -19.30 7.97 17.19
N PRO A 144 -18.98 9.25 17.47
CA PRO A 144 -19.75 10.37 16.95
C PRO A 144 -19.66 10.48 15.43
N PRO A 145 -20.80 10.76 14.79
CA PRO A 145 -20.79 10.89 13.33
C PRO A 145 -19.61 11.72 12.83
N MET A 146 -19.07 11.31 11.68
CA MET A 146 -17.95 11.98 11.03
C MET A 146 -16.90 12.51 12.02
N ALA A 147 -16.31 11.55 12.73
CA ALA A 147 -15.29 11.81 13.73
C ALA A 147 -13.94 11.20 13.34
N ASP A 148 -12.92 12.05 13.23
CA ASP A 148 -11.57 11.61 12.90
C ASP A 148 -10.96 10.90 14.09
N LEU A 149 -10.37 9.74 13.84
CA LEU A 149 -9.77 8.96 14.91
C LEU A 149 -8.26 9.11 14.96
N LEU A 150 -7.71 8.83 16.13
CA LEU A 150 -6.28 8.89 16.37
C LEU A 150 -5.92 7.58 17.07
N TYR A 151 -5.17 6.72 16.38
CA TYR A 151 -4.77 5.40 16.90
C TYR A 151 -3.35 5.29 17.41
N GLU A 152 -3.18 4.83 18.64
CA GLU A 152 -1.85 4.58 19.20
C GLU A 152 -1.76 3.08 18.95
N VAL A 153 -0.86 2.71 18.05
CA VAL A 153 -0.74 1.31 17.63
C VAL A 153 0.55 0.61 17.94
N GLU A 154 0.45 -0.62 18.47
CA GLU A 154 1.65 -1.40 18.71
C GLU A 154 1.54 -2.76 18.04
N VAL A 155 2.33 -2.95 16.99
CA VAL A 155 2.33 -4.20 16.25
C VAL A 155 3.11 -5.30 16.94
N ILE A 156 2.44 -6.42 17.18
CA ILE A 156 3.05 -7.59 17.83
C ILE A 156 3.83 -8.41 16.79
N GLY A 157 3.14 -8.71 15.69
CA GLY A 157 3.75 -9.46 14.61
C GLY A 157 2.73 -9.60 13.50
N PHE A 158 3.16 -10.12 12.35
CA PHE A 158 2.26 -10.31 11.22
C PHE A 158 2.54 -11.63 10.55
N ASP A 159 1.49 -12.25 10.02
CA ASP A 159 1.65 -13.54 9.38
C ASP A 159 1.32 -13.43 7.91
N GLU A 160 2.37 -13.48 7.09
CA GLU A 160 2.24 -13.39 5.64
C GLU A 160 1.62 -14.65 5.07
N THR A 161 1.16 -14.56 3.82
CA THR A 161 0.56 -15.67 3.10
C THR A 161 1.62 -16.65 2.62
N LYS A 162 1.24 -17.92 2.50
CA LYS A 162 2.20 -18.95 2.10
C LYS A 162 2.17 -19.24 0.59
N GLU A 163 3.14 -20.03 0.11
CA GLU A 163 3.19 -20.31 -1.31
C GLU A 163 3.66 -21.70 -1.76
N GLY A 164 3.22 -22.10 -2.96
CA GLY A 164 3.57 -23.38 -3.56
C GLY A 164 4.07 -23.22 -5.00
N LYS A 165 3.22 -23.52 -5.98
CA LYS A 165 3.61 -23.40 -7.39
C LYS A 165 2.73 -22.36 -8.07
N ALA A 166 3.34 -21.48 -8.86
CA ALA A 166 2.63 -20.40 -9.56
C ALA A 166 1.10 -20.53 -9.50
N ARG A 167 0.55 -21.49 -10.24
CA ARG A 167 -0.89 -21.70 -10.27
C ARG A 167 -1.33 -22.70 -9.20
N SER A 168 -0.45 -23.67 -8.94
CA SER A 168 -0.68 -24.75 -7.98
C SER A 168 -1.33 -24.44 -6.62
N ASP A 169 -2.63 -24.73 -6.54
CA ASP A 169 -3.43 -24.55 -5.34
C ASP A 169 -3.59 -23.12 -4.83
N MET A 170 -2.75 -22.21 -5.31
CA MET A 170 -2.76 -20.80 -4.92
C MET A 170 -4.12 -20.12 -5.09
N THR A 171 -4.65 -19.56 -4.01
CA THR A 171 -5.92 -18.84 -4.07
C THR A 171 -5.50 -17.43 -4.42
N VAL A 172 -6.46 -16.57 -4.72
CA VAL A 172 -6.09 -15.21 -5.08
C VAL A 172 -5.18 -14.59 -4.03
N GLU A 173 -5.62 -14.61 -2.77
CA GLU A 173 -4.87 -14.04 -1.64
C GLU A 173 -3.39 -14.37 -1.66
N GLU A 174 -3.06 -15.65 -1.70
CA GLU A 174 -1.64 -16.04 -1.73
C GLU A 174 -0.91 -15.38 -2.91
N ARG A 175 -1.57 -15.34 -4.07
CA ARG A 175 -1.00 -14.77 -5.28
C ARG A 175 -0.58 -13.31 -5.20
N ILE A 176 -1.51 -12.47 -4.78
CA ILE A 176 -1.26 -11.06 -4.65
C ILE A 176 -0.18 -10.76 -3.59
N GLY A 177 -0.28 -11.43 -2.44
CA GLY A 177 0.67 -11.22 -1.38
C GLY A 177 2.06 -11.59 -1.82
N ALA A 178 2.15 -12.63 -2.62
CA ALA A 178 3.44 -13.10 -3.13
C ALA A 178 3.93 -12.03 -4.10
N ALA A 179 3.03 -11.63 -5.00
CA ALA A 179 3.31 -10.60 -5.99
C ALA A 179 3.76 -9.35 -5.26
N ASP A 180 3.11 -9.07 -4.13
CA ASP A 180 3.47 -7.91 -3.33
C ASP A 180 4.81 -8.18 -2.66
N ARG A 181 5.04 -9.41 -2.22
CA ARG A 181 6.33 -9.70 -1.60
C ARG A 181 7.38 -9.52 -2.68
N ARG A 182 7.23 -10.23 -3.79
CA ARG A 182 8.18 -10.13 -4.90
C ARG A 182 8.25 -8.76 -5.56
N LYS A 183 7.30 -7.88 -5.26
CA LYS A 183 7.38 -6.53 -5.81
C LYS A 183 8.41 -5.92 -4.87
N MET A 184 8.20 -6.19 -3.57
CA MET A 184 9.07 -5.70 -2.51
C MET A 184 10.48 -6.24 -2.74
N ASP A 185 10.59 -7.56 -2.85
CA ASP A 185 11.84 -8.26 -3.09
C ASP A 185 12.63 -7.49 -4.15
N GLY A 186 11.96 -7.16 -5.25
CA GLY A 186 12.58 -6.42 -6.32
C GLY A 186 12.63 -4.92 -6.04
N ASN A 187 11.91 -4.45 -5.04
CA ASN A 187 11.95 -3.03 -4.74
C ASN A 187 13.27 -2.71 -4.08
N SER A 188 13.85 -3.70 -3.39
CA SER A 188 15.13 -3.50 -2.72
C SER A 188 16.27 -3.52 -3.73
N LEU A 189 16.22 -4.49 -4.63
CA LEU A 189 17.22 -4.62 -5.67
C LEU A 189 17.13 -3.42 -6.64
N PHE A 190 16.48 -2.33 -6.23
CA PHE A 190 16.32 -1.19 -7.12
C PHE A 190 16.02 0.13 -6.45
N LYS A 191 17.02 1.00 -6.38
CA LYS A 191 16.80 2.32 -5.80
C LYS A 191 17.49 3.34 -6.73
N GLU A 192 18.76 3.67 -6.49
CA GLU A 192 19.46 4.61 -7.38
C GLU A 192 19.95 3.86 -8.61
N GLU A 193 20.40 2.62 -8.39
CA GLU A 193 20.86 1.76 -9.47
C GLU A 193 19.56 1.27 -10.15
N LYS A 194 19.67 0.47 -11.20
CA LYS A 194 18.49 -0.05 -11.91
C LYS A 194 18.57 -1.55 -12.17
N LEU A 195 19.18 -2.26 -11.23
CA LEU A 195 19.39 -3.71 -11.31
C LEU A 195 18.30 -4.46 -12.08
N GLU A 196 18.70 -5.41 -12.91
CA GLU A 196 17.72 -6.17 -13.67
C GLU A 196 17.07 -7.23 -12.82
N GLU A 197 17.85 -7.80 -11.89
CA GLU A 197 17.32 -8.82 -10.97
C GLU A 197 16.05 -8.24 -10.32
N ALA A 198 16.10 -6.96 -9.98
CA ALA A 198 14.95 -6.27 -9.41
C ALA A 198 13.87 -6.52 -10.45
N MET A 199 14.07 -5.95 -11.63
CA MET A 199 13.17 -6.11 -12.74
C MET A 199 12.70 -7.57 -12.80
N GLN A 200 13.63 -8.49 -12.68
CA GLN A 200 13.35 -9.93 -12.73
C GLN A 200 12.34 -10.36 -11.65
N GLN A 201 12.39 -9.71 -10.50
CA GLN A 201 11.45 -10.02 -9.43
C GLN A 201 10.16 -9.23 -9.68
N TYR A 202 10.28 -8.13 -10.42
CA TYR A 202 9.11 -7.33 -10.75
C TYR A 202 8.28 -8.13 -11.72
N GLU A 203 8.96 -8.76 -12.66
CA GLU A 203 8.28 -9.56 -13.66
C GLU A 203 7.55 -10.75 -13.03
N MET A 204 8.12 -11.32 -11.96
CA MET A 204 7.51 -12.45 -11.27
C MET A 204 6.34 -11.95 -10.43
N ALA A 205 6.37 -10.68 -10.04
CA ALA A 205 5.26 -10.14 -9.30
C ALA A 205 4.15 -10.32 -10.31
N ILE A 206 4.37 -9.71 -11.48
CA ILE A 206 3.42 -9.77 -12.57
C ILE A 206 3.04 -11.22 -12.88
N ALA A 207 4.06 -12.07 -13.04
CA ALA A 207 3.86 -13.48 -13.38
C ALA A 207 2.93 -14.29 -12.49
N TYR A 208 2.74 -13.87 -11.24
CA TYR A 208 1.82 -14.58 -10.36
C TYR A 208 0.43 -14.20 -10.83
N MET A 209 0.25 -12.89 -10.96
CA MET A 209 -0.98 -12.27 -11.38
C MET A 209 -0.88 -11.73 -12.81
N GLY A 210 -1.39 -12.51 -13.75
CA GLY A 210 -1.34 -12.12 -15.15
C GLY A 210 -2.71 -11.98 -15.79
N ASP A 211 -2.71 -11.70 -17.09
CA ASP A 211 -3.91 -11.53 -17.89
C ASP A 211 -5.11 -12.39 -17.49
N ASP A 212 -4.90 -13.69 -17.34
CA ASP A 212 -5.97 -14.60 -16.94
C ASP A 212 -6.43 -14.25 -15.52
N PHE A 213 -5.48 -14.24 -14.60
CA PHE A 213 -5.71 -13.91 -13.20
C PHE A 213 -6.49 -12.60 -13.10
N MET A 214 -5.86 -11.52 -13.54
CA MET A 214 -6.46 -10.20 -13.50
C MET A 214 -7.87 -10.15 -14.05
N PHE A 215 -8.14 -10.92 -15.09
CA PHE A 215 -9.47 -10.92 -15.69
C PHE A 215 -10.54 -11.34 -14.69
N GLN A 216 -10.32 -12.53 -14.09
CA GLN A 216 -11.25 -13.10 -13.13
C GLN A 216 -10.92 -12.68 -11.70
N LEU A 217 -10.97 -11.38 -11.44
CA LEU A 217 -10.71 -10.80 -10.13
C LEU A 217 -11.81 -9.77 -10.01
N TYR A 218 -12.19 -9.42 -8.79
CA TYR A 218 -13.29 -8.47 -8.59
C TYR A 218 -13.16 -7.70 -7.30
N GLY A 219 -13.79 -6.53 -7.27
CA GLY A 219 -13.76 -5.70 -6.09
C GLY A 219 -12.42 -5.57 -5.38
N LYS A 220 -12.46 -5.46 -4.06
CA LYS A 220 -11.26 -5.32 -3.26
C LYS A 220 -10.12 -6.21 -3.75
N TYR A 221 -10.45 -7.35 -4.36
CA TYR A 221 -9.41 -8.23 -4.86
C TYR A 221 -8.70 -7.61 -6.05
N GLN A 222 -9.49 -7.06 -6.96
CA GLN A 222 -8.98 -6.40 -8.14
C GLN A 222 -8.15 -5.19 -7.75
N ASP A 223 -8.65 -4.40 -6.81
CA ASP A 223 -7.96 -3.21 -6.31
C ASP A 223 -6.59 -3.56 -5.72
N MET A 224 -6.56 -4.62 -4.93
CA MET A 224 -5.34 -5.03 -4.28
C MET A 224 -4.27 -5.41 -5.25
N ALA A 225 -4.65 -6.08 -6.33
CA ALA A 225 -3.66 -6.49 -7.32
C ALA A 225 -3.17 -5.26 -8.08
N LEU A 226 -4.10 -4.45 -8.55
CA LEU A 226 -3.74 -3.24 -9.28
C LEU A 226 -2.81 -2.34 -8.47
N ALA A 227 -2.93 -2.42 -7.14
CA ALA A 227 -2.13 -1.63 -6.21
C ALA A 227 -0.69 -2.14 -6.19
N VAL A 228 -0.50 -3.38 -6.63
CA VAL A 228 0.82 -3.98 -6.68
C VAL A 228 1.28 -4.04 -8.11
N LYS A 229 0.34 -4.25 -9.02
CA LYS A 229 0.68 -4.40 -10.41
C LYS A 229 1.03 -3.10 -11.09
N ASN A 230 0.12 -2.13 -11.11
CA ASN A 230 0.43 -0.89 -11.79
C ASN A 230 1.78 -0.32 -11.36
N PRO A 231 2.04 -0.25 -10.06
CA PRO A 231 3.34 0.30 -9.66
C PRO A 231 4.45 -0.63 -10.18
N CYS A 232 4.29 -1.90 -9.88
CA CYS A 232 5.22 -2.91 -10.28
C CYS A 232 5.51 -2.84 -11.78
N HIS A 233 4.82 -1.94 -12.49
CA HIS A 233 5.04 -1.78 -13.93
C HIS A 233 5.96 -0.59 -14.15
N LEU A 234 5.59 0.55 -13.57
CA LEU A 234 6.41 1.75 -13.69
C LEU A 234 7.78 1.44 -13.11
N ASN A 235 7.82 0.39 -12.30
CA ASN A 235 9.04 -0.05 -11.65
C ASN A 235 9.84 -0.98 -12.57
N ILE A 236 9.19 -1.53 -13.58
CA ILE A 236 9.90 -2.33 -14.56
C ILE A 236 10.25 -1.28 -15.63
N ALA A 237 9.46 -0.20 -15.66
CA ALA A 237 9.65 0.90 -16.59
C ALA A 237 11.00 1.57 -16.33
N ALA A 238 11.07 2.46 -15.35
CA ALA A 238 12.32 3.14 -15.00
C ALA A 238 13.42 2.09 -14.89
N CYS A 239 13.01 0.88 -14.54
CA CYS A 239 13.94 -0.24 -14.40
C CYS A 239 14.48 -0.57 -15.79
N LEU A 240 14.05 0.21 -16.77
CA LEU A 240 14.48 0.05 -18.17
C LEU A 240 14.99 1.39 -18.72
N ILE A 241 14.29 2.46 -18.37
CA ILE A 241 14.66 3.81 -18.81
C ILE A 241 16.12 4.13 -18.52
N LYS A 242 16.76 3.28 -17.71
CA LYS A 242 18.16 3.51 -17.38
C LYS A 242 18.95 2.22 -17.54
N LEU A 243 18.50 1.40 -18.48
CA LEU A 243 19.16 0.15 -18.79
C LEU A 243 19.33 0.16 -20.31
N LYS A 244 18.99 1.31 -20.88
CA LYS A 244 19.09 1.60 -22.31
C LYS A 244 18.04 0.95 -23.24
N ARG A 245 16.87 0.65 -22.67
CA ARG A 245 15.77 0.02 -23.38
C ARG A 245 14.56 0.90 -23.13
N TYR A 246 14.37 1.92 -23.97
CA TYR A 246 13.27 2.87 -23.78
C TYR A 246 11.93 2.55 -24.45
N ASP A 247 11.96 1.79 -25.54
CA ASP A 247 10.71 1.45 -26.21
C ASP A 247 9.92 0.50 -25.34
N GLU A 248 10.63 -0.34 -24.59
CA GLU A 248 10.00 -1.32 -23.73
C GLU A 248 9.43 -0.66 -22.48
N ALA A 249 9.96 0.51 -22.15
CA ALA A 249 9.53 1.26 -20.99
C ALA A 249 8.31 2.13 -21.30
N ILE A 250 8.09 2.39 -22.58
CA ILE A 250 6.94 3.21 -22.97
C ILE A 250 5.68 2.35 -22.99
N GLY A 251 5.86 1.05 -23.23
CA GLY A 251 4.74 0.13 -23.24
C GLY A 251 4.23 -0.12 -21.84
N HIS A 252 5.17 -0.30 -20.91
CA HIS A 252 4.81 -0.54 -19.53
C HIS A 252 4.01 0.60 -19.00
N CYS A 253 4.40 1.82 -19.35
CA CYS A 253 3.65 2.97 -18.91
C CYS A 253 2.26 2.92 -19.52
N ASN A 254 2.12 2.25 -20.65
CA ASN A 254 0.83 2.13 -21.33
C ASN A 254 -0.15 1.16 -20.67
N ILE A 255 0.33 0.00 -20.26
CA ILE A 255 -0.54 -0.95 -19.61
C ILE A 255 -1.22 -0.21 -18.48
N VAL A 256 -0.43 0.55 -17.74
CA VAL A 256 -0.94 1.29 -16.61
C VAL A 256 -1.87 2.44 -17.02
N LEU A 257 -1.41 3.29 -17.93
CA LEU A 257 -2.22 4.43 -18.37
C LEU A 257 -3.51 4.08 -19.07
N THR A 258 -3.84 2.80 -19.16
CA THR A 258 -5.08 2.38 -19.81
C THR A 258 -6.18 2.10 -18.81
N GLU A 259 -5.78 1.75 -17.59
CA GLU A 259 -6.72 1.46 -16.50
C GLU A 259 -7.08 2.75 -15.79
N GLU A 260 -6.15 3.70 -15.83
CA GLU A 260 -6.34 4.99 -15.19
C GLU A 260 -5.32 6.01 -15.70
N GLU A 261 -5.56 6.50 -16.91
CA GLU A 261 -4.69 7.47 -17.55
C GLU A 261 -4.44 8.70 -16.69
N LYS A 262 -4.95 8.66 -15.46
CA LYS A 262 -4.79 9.75 -14.51
C LYS A 262 -3.33 9.79 -14.06
N ASN A 263 -2.83 8.62 -13.62
CA ASN A 263 -1.48 8.44 -13.13
C ASN A 263 -0.41 9.32 -13.76
N PRO A 264 0.14 10.27 -12.98
CA PRO A 264 1.18 11.20 -13.44
C PRO A 264 2.57 10.55 -13.38
N LYS A 265 2.82 9.80 -12.31
CA LYS A 265 4.10 9.10 -12.13
C LYS A 265 4.41 8.35 -13.41
N ALA A 266 3.34 8.02 -14.14
CA ALA A 266 3.40 7.28 -15.40
C ALA A 266 3.57 8.23 -16.60
N LEU A 267 2.69 9.22 -16.70
CA LEU A 267 2.74 10.21 -17.77
C LEU A 267 4.18 10.67 -17.95
N PHE A 268 4.79 11.02 -16.83
CA PHE A 268 6.18 11.48 -16.77
C PHE A 268 7.21 10.44 -17.23
N ARG A 269 7.33 9.35 -16.47
CA ARG A 269 8.28 8.31 -16.79
C ARG A 269 8.24 7.91 -18.27
N ARG A 270 7.05 7.98 -18.88
CA ARG A 270 6.92 7.63 -20.30
C ARG A 270 7.52 8.72 -21.17
N GLY A 271 7.23 9.97 -20.82
CA GLY A 271 7.80 11.07 -21.57
C GLY A 271 9.31 10.90 -21.55
N LYS A 272 9.83 10.39 -20.42
CA LYS A 272 11.25 10.13 -20.23
C LYS A 272 11.88 9.24 -21.30
N ALA A 273 11.24 8.11 -21.62
CA ALA A 273 11.76 7.19 -22.64
C ALA A 273 11.66 7.89 -23.97
N LYS A 274 10.49 8.44 -24.25
CA LYS A 274 10.24 9.19 -25.48
C LYS A 274 11.36 10.21 -25.65
N ALA A 275 11.66 10.90 -24.55
CA ALA A 275 12.70 11.92 -24.51
C ALA A 275 14.02 11.40 -25.03
N GLU A 276 14.50 10.30 -24.47
CA GLU A 276 15.78 9.73 -24.91
C GLU A 276 15.62 9.00 -26.24
N LEU A 277 14.50 9.24 -26.90
CA LEU A 277 14.21 8.63 -28.20
C LEU A 277 13.90 9.69 -29.26
N GLY A 278 14.28 10.93 -29.00
CA GLY A 278 14.05 12.00 -29.95
C GLY A 278 12.61 12.10 -30.44
N GLN A 279 11.66 12.00 -29.52
CA GLN A 279 10.25 12.10 -29.86
C GLN A 279 9.65 13.22 -29.04
N MET A 280 10.38 14.33 -29.03
CA MET A 280 10.00 15.53 -28.29
C MET A 280 8.63 16.11 -28.69
N ASP A 281 8.07 15.66 -29.81
CA ASP A 281 6.76 16.16 -30.25
C ASP A 281 5.66 15.49 -29.44
N SER A 282 5.98 14.32 -28.89
CA SER A 282 5.05 13.55 -28.06
C SER A 282 5.63 13.45 -26.66
N ALA A 283 6.96 13.36 -26.58
CA ALA A 283 7.66 13.28 -25.30
C ALA A 283 7.17 14.43 -24.44
N ARG A 284 6.92 15.57 -25.09
CA ARG A 284 6.44 16.75 -24.40
C ARG A 284 5.00 16.56 -23.93
N ASP A 285 4.17 15.97 -24.79
CA ASP A 285 2.76 15.72 -24.46
C ASP A 285 2.62 15.04 -23.09
N ASP A 286 3.25 13.87 -22.96
CA ASP A 286 3.22 13.09 -21.72
C ASP A 286 3.85 13.87 -20.57
N PHE A 287 4.87 14.65 -20.90
CA PHE A 287 5.57 15.47 -19.92
C PHE A 287 4.67 16.54 -19.31
N ARG A 288 3.81 17.15 -20.13
CA ARG A 288 2.92 18.19 -19.65
C ARG A 288 1.68 17.65 -18.95
N LYS A 289 0.95 16.74 -19.60
CA LYS A 289 -0.23 16.15 -18.99
C LYS A 289 0.16 15.56 -17.64
N ALA A 290 1.47 15.43 -17.40
CA ALA A 290 2.00 14.87 -16.16
C ALA A 290 2.09 15.86 -15.01
N GLN A 291 1.78 17.14 -15.26
CA GLN A 291 1.81 18.15 -14.20
C GLN A 291 0.35 18.47 -13.91
N LYS A 292 -0.50 17.49 -14.21
CA LYS A 292 -1.94 17.57 -14.00
C LYS A 292 -2.26 17.61 -12.49
#